data_6C8G
#
_entry.id   6C8G
#
_cell.length_a   165.519
_cell.length_b   165.519
_cell.length_c   102.691
_cell.angle_alpha   90.00
_cell.angle_beta   90.00
_cell.angle_gamma   90.00
#
_symmetry.space_group_name_H-M   'P 4 21 2'
#
loop_
_entity.id
_entity.type
_entity.pdbx_description
1 polymer 'Transient receptor potential cation channel, subfamily V, member 4'
2 non-polymer 'BARIUM ION'
#
_entity_poly.entity_id   1
_entity_poly.type   'polypeptide(L)'
_entity_poly.pdbx_seq_one_letter_code
;MAPSPDPPPVIKMFNRHMLFDIVSRGSTAELEGFLPFLLAQKKRLTDEEFREASTGKTCLTKALMNLNGGKNDTIPMLID
IAEKTGNLREFINSPFRDVYYRGQTALHIAIERRCKHYVELLVEKGADVHAQARGRFFQPKDEGGYFYFGELPLSLAACT
NQPDIVHYLTENAHKKADIRRQDSRGNTVLHALVAIADNTRENTKFVTKVYDLLVIKCVKLYPDSSLEAIFNNDSMSPLM
MAAKLGKIGIFQHIIRLEIKDEEARHLSRKFRDWAYGPVYSSLYDLSMLDTCGEEVSVLEILVYNSKVENRHEMLAVEPI
NELLRDKWQKFGAVSFYISVVSYLIAMIIFTLIAYYRPMDGTPPYPYRTTMDYMRLAGEIVTLLTGVVFFITNIKDLFMK
KCPGVNSLFIDGSFQLLYFIYSVLVIITAVLYLVGIESYLAVMVFALVLGWMNALYFTRGLKLTGTYSIMLQKILFKDLF
RFLLVYLLFMIGYASALVSLLNPCTSQESCIETSSQCTVPEYPSCRDSSTFSKFLLDLFKLTIGMGDLEMINSAKYPAVF
IILLVTYIILTFVLLLNMLIALMGETVGQVSKESKQIWKLQWATTILDIERSFPVCMRKAFRSGEMVTVGKNLDGTPDRR
WCFRVDEVNWSHWNQNLGIINEDPGRSNSLEVLFQ
;
_entity_poly.pdbx_strand_id   A
#
loop_
_chem_comp.id
_chem_comp.type
_chem_comp.name
_chem_comp.formula
BA non-polymer 'BARIUM ION' 'Ba 2'
#
# COMPACT_ATOMS: atom_id res chain seq x y z
N MET A 13 1.84 -36.70 46.93
CA MET A 13 3.13 -36.66 47.61
C MET A 13 3.45 -35.27 48.11
N PHE A 14 4.73 -35.02 48.41
CA PHE A 14 5.17 -33.77 49.01
C PHE A 14 6.05 -32.95 48.09
N ASN A 15 6.22 -33.37 46.83
CA ASN A 15 7.05 -32.67 45.87
C ASN A 15 6.18 -31.94 44.86
N ARG A 16 6.83 -31.27 43.91
CA ARG A 16 6.10 -30.52 42.90
C ARG A 16 5.71 -31.38 41.71
N HIS A 17 6.50 -32.41 41.39
CA HIS A 17 6.25 -33.20 40.19
C HIS A 17 5.02 -34.09 40.35
N MET A 18 4.72 -34.51 41.58
CA MET A 18 3.47 -35.20 41.82
C MET A 18 2.28 -34.26 41.69
N LEU A 19 2.44 -33.00 42.09
CA LEU A 19 1.34 -32.06 42.10
C LEU A 19 1.02 -31.53 40.70
N PHE A 20 2.05 -31.29 39.87
CA PHE A 20 1.79 -30.85 38.51
C PHE A 20 1.22 -31.96 37.63
N ASP A 21 1.30 -33.22 38.06
CA ASP A 21 0.70 -34.30 37.28
C ASP A 21 -0.77 -34.48 37.60
N ILE A 22 -1.10 -34.59 38.90
CA ILE A 22 -2.45 -34.97 39.34
C ILE A 22 -3.48 -33.90 38.98
N VAL A 23 -3.05 -32.64 38.89
CA VAL A 23 -3.91 -31.56 38.38
C VAL A 23 -4.31 -31.85 36.93
N SER A 24 -3.36 -32.33 36.13
CA SER A 24 -3.70 -32.76 34.77
C SER A 24 -4.49 -34.06 34.77
N ARG A 25 -4.26 -34.92 35.77
CA ARG A 25 -5.12 -36.10 35.94
C ARG A 25 -6.53 -35.70 36.33
N GLY A 26 -6.66 -34.66 37.16
CA GLY A 26 -7.97 -34.21 37.59
C GLY A 26 -8.63 -35.12 38.60
N SER A 27 -7.91 -35.46 39.67
CA SER A 27 -8.43 -36.29 40.75
C SER A 27 -8.21 -35.54 42.06
N THR A 28 -9.28 -34.93 42.57
CA THR A 28 -9.18 -34.13 43.79
C THR A 28 -9.01 -34.99 45.04
N ALA A 29 -9.36 -36.28 44.97
CA ALA A 29 -9.11 -37.17 46.09
C ALA A 29 -7.63 -37.49 46.26
N GLU A 30 -6.84 -37.36 45.21
CA GLU A 30 -5.40 -37.51 45.29
C GLU A 30 -4.69 -36.22 45.66
N LEU A 31 -5.45 -35.17 45.99
CA LEU A 31 -4.89 -33.90 46.43
C LEU A 31 -5.29 -33.54 47.85
N GLU A 32 -5.77 -34.52 48.62
CA GLU A 32 -6.25 -34.25 49.96
C GLU A 32 -5.09 -34.03 50.92
N GLY A 33 -5.37 -33.32 52.01
CA GLY A 33 -4.38 -33.09 53.06
C GLY A 33 -3.24 -32.16 52.71
N PHE A 34 -3.28 -31.51 51.55
CA PHE A 34 -2.21 -30.62 51.15
C PHE A 34 -2.38 -29.21 51.72
N LEU A 35 -3.62 -28.80 51.95
CA LEU A 35 -3.85 -27.54 52.65
C LEU A 35 -3.32 -27.37 54.09
N PRO A 36 -3.41 -28.34 55.01
CA PRO A 36 -2.57 -28.22 56.23
C PRO A 36 -1.10 -28.67 56.08
N PHE A 37 -0.77 -29.20 54.89
CA PHE A 37 0.59 -29.62 54.61
C PHE A 37 1.33 -28.31 54.38
N LEU A 38 0.67 -27.32 53.78
CA LEU A 38 1.30 -26.00 53.65
C LEU A 38 1.28 -25.27 54.97
N LEU A 39 0.38 -25.64 55.89
CA LEU A 39 0.42 -25.10 57.23
C LEU A 39 1.64 -25.59 57.99
N ALA A 40 2.10 -26.81 57.69
CA ALA A 40 3.26 -27.35 58.36
C ALA A 40 4.57 -26.73 57.85
N GLN A 41 4.80 -26.81 56.54
CA GLN A 41 6.06 -26.38 55.95
C GLN A 41 6.00 -24.96 55.40
N LYS A 42 5.07 -24.14 55.92
CA LYS A 42 4.93 -22.68 55.75
C LYS A 42 5.05 -22.16 54.32
N LYS A 43 4.74 -22.99 53.32
CA LYS A 43 5.02 -22.68 51.94
C LYS A 43 3.79 -22.07 51.27
N ARG A 44 4.03 -21.06 50.43
CA ARG A 44 2.97 -20.49 49.61
C ARG A 44 2.85 -21.28 48.31
N LEU A 45 1.75 -21.03 47.59
CA LEU A 45 1.49 -21.78 46.36
C LEU A 45 2.32 -21.29 45.20
N THR A 46 2.76 -20.05 45.22
CA THR A 46 3.63 -19.49 44.19
C THR A 46 4.87 -18.87 44.83
N ASP A 47 5.51 -19.61 45.73
CA ASP A 47 6.62 -19.02 46.48
C ASP A 47 7.89 -19.03 45.65
N GLU A 48 8.46 -20.21 45.41
CA GLU A 48 9.58 -20.33 44.48
C GLU A 48 9.43 -21.50 43.53
N GLU A 49 8.91 -22.62 44.03
CA GLU A 49 9.11 -23.91 43.39
C GLU A 49 7.84 -24.51 42.79
N PHE A 50 6.66 -24.09 43.24
CA PHE A 50 5.41 -24.61 42.70
C PHE A 50 4.93 -23.70 41.57
N ARG A 51 5.84 -23.53 40.61
CA ARG A 51 5.76 -22.65 39.46
C ARG A 51 6.96 -22.98 38.58
N GLU A 52 6.74 -22.98 37.27
CA GLU A 52 7.81 -23.39 36.35
C GLU A 52 8.91 -22.34 36.32
N ALA A 53 10.15 -22.79 36.54
CA ALA A 53 11.28 -21.87 36.56
C ALA A 53 11.61 -21.33 35.17
N SER A 54 11.21 -22.05 34.12
CA SER A 54 11.48 -21.59 32.77
C SER A 54 10.43 -20.59 32.31
N THR A 55 9.15 -20.91 32.53
CA THR A 55 8.06 -20.10 31.98
C THR A 55 7.32 -19.29 33.04
N GLY A 56 7.09 -19.86 34.21
CA GLY A 56 6.17 -19.27 35.17
C GLY A 56 4.82 -19.93 35.21
N LYS A 57 4.66 -21.08 34.56
CA LYS A 57 3.38 -21.79 34.53
C LYS A 57 3.08 -22.37 35.92
N THR A 58 1.93 -22.00 36.47
CA THR A 58 1.55 -22.38 37.82
C THR A 58 0.57 -23.55 37.76
N CYS A 59 0.04 -23.90 38.94
CA CYS A 59 -0.89 -25.02 39.03
C CYS A 59 -2.24 -24.67 38.41
N LEU A 60 -2.70 -23.44 38.60
CA LEU A 60 -3.97 -23.02 38.04
C LEU A 60 -3.90 -22.89 36.53
N THR A 61 -2.75 -22.42 36.03
CA THR A 61 -2.55 -22.34 34.58
C THR A 61 -2.46 -23.73 33.97
N LYS A 62 -1.84 -24.67 34.68
CA LYS A 62 -1.82 -26.06 34.24
C LYS A 62 -3.21 -26.68 34.30
N ALA A 63 -4.05 -26.23 35.23
CA ALA A 63 -5.39 -26.78 35.37
C ALA A 63 -6.26 -26.41 34.18
N LEU A 64 -6.05 -25.23 33.61
CA LEU A 64 -6.86 -24.79 32.48
C LEU A 64 -6.37 -25.34 31.16
N MET A 65 -5.13 -25.82 31.09
CA MET A 65 -4.64 -26.44 29.86
C MET A 65 -5.29 -27.80 29.65
N ASN A 66 -5.03 -28.74 30.55
CA ASN A 66 -5.64 -30.06 30.48
C ASN A 66 -6.99 -30.04 31.17
N LEU A 67 -8.04 -30.31 30.41
CA LEU A 67 -9.41 -30.23 30.87
C LEU A 67 -10.10 -31.57 30.67
N ASN A 68 -11.10 -31.83 31.51
CA ASN A 68 -11.92 -33.05 31.43
C ASN A 68 -13.30 -32.62 30.95
N GLY A 69 -13.47 -32.52 29.63
CA GLY A 69 -14.68 -31.95 29.09
C GLY A 69 -14.84 -30.48 29.40
N GLY A 70 -13.74 -29.76 29.55
CA GLY A 70 -13.80 -28.37 29.97
C GLY A 70 -14.13 -28.18 31.43
N LYS A 71 -13.94 -29.21 32.26
CA LYS A 71 -14.27 -29.12 33.68
C LYS A 71 -13.18 -29.80 34.50
N ASN A 72 -12.56 -29.05 35.40
CA ASN A 72 -11.66 -29.60 36.41
C ASN A 72 -12.06 -29.07 37.77
N ASP A 73 -12.29 -29.97 38.72
CA ASP A 73 -12.73 -29.59 40.05
C ASP A 73 -11.60 -29.05 40.92
N THR A 74 -10.35 -29.15 40.47
CA THR A 74 -9.23 -28.58 41.22
C THR A 74 -9.21 -27.06 41.09
N ILE A 75 -9.90 -26.52 40.09
CA ILE A 75 -9.86 -25.08 39.83
C ILE A 75 -10.48 -24.26 40.96
N PRO A 76 -11.65 -24.59 41.53
CA PRO A 76 -12.02 -23.87 42.77
C PRO A 76 -11.20 -24.30 43.97
N MET A 77 -10.58 -25.48 43.91
CA MET A 77 -9.81 -25.95 45.04
C MET A 77 -8.45 -25.28 45.13
N LEU A 78 -7.80 -25.03 43.98
CA LEU A 78 -6.55 -24.28 43.98
C LEU A 78 -6.76 -22.84 44.41
N ILE A 79 -7.94 -22.29 44.16
CA ILE A 79 -8.27 -20.97 44.69
C ILE A 79 -8.58 -21.07 46.18
N ASP A 80 -9.13 -22.20 46.62
CA ASP A 80 -9.44 -22.40 48.03
C ASP A 80 -8.17 -22.50 48.87
N ILE A 81 -7.17 -23.22 48.36
CA ILE A 81 -5.90 -23.33 49.07
C ILE A 81 -5.16 -21.99 49.08
N ALA A 82 -5.26 -21.25 47.98
CA ALA A 82 -4.66 -19.92 47.91
C ALA A 82 -5.37 -18.91 48.82
N GLU A 83 -6.64 -19.13 49.14
CA GLU A 83 -7.36 -18.23 50.02
C GLU A 83 -6.85 -18.33 51.45
N LYS A 84 -6.50 -19.53 51.90
CA LYS A 84 -6.02 -19.70 53.26
C LYS A 84 -4.60 -19.16 53.43
N THR A 85 -3.79 -19.22 52.36
CA THR A 85 -2.47 -18.60 52.40
C THR A 85 -2.52 -17.11 52.13
N GLY A 86 -3.61 -16.63 51.54
CA GLY A 86 -3.76 -15.21 51.27
C GLY A 86 -3.05 -14.74 50.02
N ASN A 87 -3.39 -15.34 48.89
CA ASN A 87 -2.76 -14.99 47.61
C ASN A 87 -3.80 -14.94 46.50
N LEU A 88 -5.02 -14.51 46.81
CA LEU A 88 -6.10 -14.52 45.82
C LEU A 88 -5.86 -13.53 44.69
N ARG A 89 -5.24 -12.39 45.01
CA ARG A 89 -4.83 -11.43 44.00
C ARG A 89 -3.42 -11.70 43.47
N GLU A 90 -2.80 -12.81 43.89
CA GLU A 90 -1.48 -13.20 43.41
C GLU A 90 -1.48 -14.53 42.69
N PHE A 91 -2.14 -15.55 43.25
CA PHE A 91 -2.19 -16.86 42.60
C PHE A 91 -3.03 -16.83 41.33
N ILE A 92 -4.00 -15.93 41.25
CA ILE A 92 -4.75 -15.75 40.01
C ILE A 92 -4.00 -14.83 39.07
N ASN A 93 -3.44 -13.74 39.60
CA ASN A 93 -2.85 -12.68 38.79
C ASN A 93 -1.36 -12.81 38.62
N SER A 94 -0.85 -14.04 38.55
CA SER A 94 0.58 -14.26 38.27
C SER A 94 0.75 -14.55 36.79
N PRO A 95 1.31 -13.62 36.01
CA PRO A 95 1.47 -13.85 34.58
C PRO A 95 2.69 -14.73 34.32
N PHE A 96 2.90 -15.04 33.05
CA PHE A 96 4.06 -15.84 32.67
C PHE A 96 5.33 -15.00 32.76
N ARG A 97 6.42 -15.66 33.17
CA ARG A 97 7.70 -15.00 33.47
C ARG A 97 8.69 -15.22 32.33
N ASP A 98 8.25 -15.86 31.26
CA ASP A 98 9.12 -16.17 30.13
C ASP A 98 9.16 -14.99 29.16
N VAL A 99 9.69 -15.22 27.97
CA VAL A 99 9.77 -14.21 26.94
C VAL A 99 8.85 -14.51 25.76
N TYR A 100 8.76 -15.78 25.36
CA TYR A 100 7.99 -16.14 24.18
C TYR A 100 6.48 -16.10 24.45
N TYR A 101 6.05 -16.65 25.59
CA TYR A 101 4.65 -16.58 26.00
C TYR A 101 4.43 -15.54 27.09
N ARG A 102 5.14 -14.41 27.01
CA ARG A 102 5.23 -13.47 28.12
C ARG A 102 3.89 -12.76 28.36
N GLY A 103 3.51 -12.67 29.63
CA GLY A 103 2.35 -11.91 30.04
C GLY A 103 1.04 -12.67 30.03
N GLN A 104 1.02 -13.89 29.53
CA GLN A 104 -0.22 -14.66 29.50
C GLN A 104 -0.58 -15.14 30.90
N THR A 105 -1.82 -14.93 31.30
CA THR A 105 -2.31 -15.35 32.60
C THR A 105 -3.32 -16.47 32.43
N ALA A 106 -3.87 -16.91 33.57
CA ALA A 106 -4.94 -17.91 33.55
C ALA A 106 -6.22 -17.35 32.98
N LEU A 107 -6.41 -16.03 33.08
CA LEU A 107 -7.59 -15.40 32.49
C LEU A 107 -7.56 -15.50 30.98
N HIS A 108 -6.37 -15.41 30.38
CA HIS A 108 -6.25 -15.56 28.93
C HIS A 108 -6.53 -16.99 28.49
N ILE A 109 -6.25 -17.98 29.34
CA ILE A 109 -6.40 -19.37 28.94
C ILE A 109 -7.85 -19.81 29.06
N ALA A 110 -8.55 -19.32 30.09
CA ALA A 110 -9.94 -19.73 30.29
C ALA A 110 -10.86 -19.12 29.24
N ILE A 111 -10.56 -17.89 28.81
CA ILE A 111 -11.29 -17.29 27.69
C ILE A 111 -10.99 -18.05 26.41
N GLU A 112 -9.76 -18.58 26.29
CA GLU A 112 -9.32 -19.26 25.08
C GLU A 112 -10.08 -20.55 24.84
N ARG A 113 -10.24 -21.37 25.87
CA ARG A 113 -10.87 -22.67 25.72
C ARG A 113 -12.36 -22.61 26.02
N ARG A 114 -12.93 -21.40 26.13
CA ARG A 114 -14.36 -21.14 26.22
C ARG A 114 -15.00 -21.80 27.43
N CYS A 115 -14.33 -21.65 28.58
CA CYS A 115 -14.88 -22.11 29.85
C CYS A 115 -15.58 -20.94 30.52
N LYS A 116 -16.83 -20.70 30.07
CA LYS A 116 -17.62 -19.57 30.55
C LYS A 116 -17.95 -19.69 32.03
N HIS A 117 -18.07 -20.91 32.53
CA HIS A 117 -18.29 -21.12 33.96
C HIS A 117 -17.05 -20.73 34.77
N TYR A 118 -15.86 -20.96 34.20
CA TYR A 118 -14.63 -20.67 34.92
C TYR A 118 -14.14 -19.25 34.71
N VAL A 119 -14.62 -18.55 33.68
CA VAL A 119 -14.34 -17.13 33.53
C VAL A 119 -14.99 -16.34 34.66
N GLU A 120 -16.22 -16.73 35.02
CA GLU A 120 -16.94 -16.07 36.10
C GLU A 120 -16.28 -16.33 37.45
N LEU A 121 -15.61 -17.48 37.60
CA LEU A 121 -15.00 -17.83 38.87
C LEU A 121 -13.74 -16.99 39.14
N LEU A 122 -13.01 -16.62 38.09
CA LEU A 122 -11.74 -15.93 38.28
C LEU A 122 -11.93 -14.50 38.76
N VAL A 123 -12.88 -13.78 38.16
CA VAL A 123 -13.03 -12.37 38.45
C VAL A 123 -13.67 -12.15 39.82
N GLU A 124 -14.60 -13.04 40.20
CA GLU A 124 -15.26 -12.92 41.50
C GLU A 124 -14.31 -13.17 42.66
N LYS A 125 -13.32 -14.05 42.46
CA LYS A 125 -12.28 -14.22 43.45
C LYS A 125 -11.18 -13.16 43.35
N GLY A 126 -11.23 -12.32 42.32
CA GLY A 126 -10.22 -11.29 42.13
C GLY A 126 -9.28 -11.62 41.00
N ALA A 127 -9.49 -10.99 39.84
CA ALA A 127 -8.63 -11.20 38.69
C ALA A 127 -8.35 -9.86 38.03
N ASP A 128 -7.12 -9.69 37.57
CA ASP A 128 -6.73 -8.47 36.87
C ASP A 128 -7.26 -8.52 35.45
N VAL A 129 -8.16 -7.61 35.12
CA VAL A 129 -8.76 -7.60 33.78
C VAL A 129 -7.75 -7.09 32.76
N HIS A 130 -6.91 -6.14 33.16
CA HIS A 130 -6.02 -5.45 32.22
C HIS A 130 -4.65 -6.09 32.11
N ALA A 131 -4.54 -7.41 32.29
CA ALA A 131 -3.28 -8.10 32.11
C ALA A 131 -2.97 -8.23 30.62
N GLN A 132 -1.77 -7.83 30.23
CA GLN A 132 -1.37 -7.82 28.82
C GLN A 132 -0.49 -9.03 28.52
N ALA A 133 -0.93 -9.85 27.56
CA ALA A 133 -0.12 -10.97 27.06
C ALA A 133 0.75 -10.43 25.94
N ARG A 134 1.85 -9.79 26.32
CA ARG A 134 2.72 -9.08 25.40
C ARG A 134 3.91 -9.91 24.96
N GLY A 135 3.76 -11.22 24.89
CA GLY A 135 4.84 -12.09 24.49
C GLY A 135 5.11 -12.04 23.00
N ARG A 136 6.25 -12.62 22.62
CA ARG A 136 6.65 -12.68 21.22
C ARG A 136 5.79 -13.62 20.40
N PHE A 137 5.12 -14.58 21.04
CA PHE A 137 4.13 -15.39 20.35
C PHE A 137 2.87 -14.60 20.01
N PHE A 138 2.49 -13.65 20.85
CA PHE A 138 1.26 -12.89 20.66
C PHE A 138 1.47 -11.64 19.80
N GLN A 139 2.49 -11.64 18.97
CA GLN A 139 2.80 -10.60 18.01
C GLN A 139 2.16 -10.93 16.68
N PRO A 140 2.02 -9.95 15.77
CA PRO A 140 1.60 -10.28 14.41
C PRO A 140 2.69 -11.03 13.64
N LYS A 141 2.29 -11.49 12.45
CA LYS A 141 3.12 -12.42 11.69
C LYS A 141 4.39 -11.76 11.15
N ASP A 142 4.36 -10.44 10.93
CA ASP A 142 5.56 -9.73 10.52
C ASP A 142 6.56 -9.59 11.66
N GLU A 143 6.10 -9.59 12.90
CA GLU A 143 6.99 -9.44 14.04
C GLU A 143 7.52 -10.77 14.56
N GLY A 144 6.97 -11.90 14.10
CA GLY A 144 7.43 -13.21 14.50
C GLY A 144 6.41 -14.05 15.24
N GLY A 145 5.27 -13.48 15.64
CA GLY A 145 4.25 -14.24 16.31
C GLY A 145 3.30 -14.93 15.34
N TYR A 146 2.42 -15.75 15.90
CA TYR A 146 1.47 -16.51 15.10
C TYR A 146 0.05 -16.03 15.21
N PHE A 147 -0.30 -15.27 16.24
CA PHE A 147 -1.67 -14.83 16.43
C PHE A 147 -1.64 -13.53 17.23
N TYR A 148 -2.35 -12.52 16.73
CA TYR A 148 -2.42 -11.21 17.37
C TYR A 148 -3.84 -10.89 17.76
N PHE A 149 -4.02 -10.37 18.97
CA PHE A 149 -5.34 -9.91 19.38
C PHE A 149 -5.31 -8.62 20.19
N GLY A 150 -4.21 -7.89 20.24
CA GLY A 150 -4.19 -6.64 20.98
C GLY A 150 -4.00 -6.79 22.47
N GLU A 151 -3.55 -7.95 22.93
CA GLU A 151 -3.06 -8.20 24.30
C GLU A 151 -4.12 -8.02 25.38
N LEU A 152 -5.40 -7.99 25.02
CA LEU A 152 -6.39 -7.71 26.05
C LEU A 152 -7.44 -8.81 26.10
N PRO A 153 -7.86 -9.21 27.31
CA PRO A 153 -8.87 -10.27 27.43
C PRO A 153 -10.23 -9.88 26.89
N LEU A 154 -10.58 -8.59 26.96
CA LEU A 154 -11.79 -8.12 26.31
C LEU A 154 -11.67 -8.21 24.80
N SER A 155 -10.48 -7.91 24.28
CA SER A 155 -10.26 -8.07 22.84
C SER A 155 -10.10 -9.53 22.47
N LEU A 156 -9.60 -10.35 23.40
CA LEU A 156 -9.44 -11.77 23.12
C LEU A 156 -10.78 -12.46 22.96
N ALA A 157 -11.76 -12.10 23.81
CA ALA A 157 -13.08 -12.71 23.72
C ALA A 157 -13.81 -12.30 22.45
N ALA A 158 -13.52 -11.12 21.93
CA ALA A 158 -14.06 -10.74 20.63
C ALA A 158 -13.39 -11.48 19.50
N CYS A 159 -12.10 -11.80 19.66
CA CYS A 159 -11.40 -12.52 18.61
C CYS A 159 -11.71 -14.01 18.61
N THR A 160 -12.22 -14.56 19.70
CA THR A 160 -12.58 -15.97 19.76
C THR A 160 -14.01 -16.24 19.37
N ASN A 161 -14.68 -15.27 18.73
CA ASN A 161 -16.06 -15.39 18.22
C ASN A 161 -17.02 -15.71 19.36
N GLN A 162 -16.82 -15.09 20.52
CA GLN A 162 -17.60 -15.41 21.72
C GLN A 162 -18.09 -14.12 22.36
N PRO A 163 -19.31 -13.68 22.07
CA PRO A 163 -19.83 -12.47 22.73
C PRO A 163 -20.28 -12.72 24.15
N ASP A 164 -20.30 -13.97 24.61
CA ASP A 164 -20.84 -14.29 25.92
C ASP A 164 -19.92 -13.82 27.03
N ILE A 165 -18.61 -13.94 26.82
CA ILE A 165 -17.66 -13.33 27.75
C ILE A 165 -17.68 -11.82 27.61
N VAL A 166 -17.97 -11.34 26.39
CA VAL A 166 -18.01 -9.90 26.13
C VAL A 166 -19.16 -9.25 26.87
N HIS A 167 -20.29 -9.95 27.00
CA HIS A 167 -21.35 -9.48 27.87
C HIS A 167 -20.93 -9.56 29.33
N TYR A 168 -20.13 -10.55 29.70
CA TYR A 168 -19.78 -10.71 31.11
C TYR A 168 -18.70 -9.73 31.54
N LEU A 169 -17.79 -9.36 30.64
CA LEU A 169 -16.71 -8.48 31.04
C LEU A 169 -17.16 -7.03 31.14
N THR A 170 -18.13 -6.62 30.31
CA THR A 170 -18.56 -5.23 30.30
C THR A 170 -19.44 -4.91 31.50
N GLU A 171 -20.53 -5.65 31.68
CA GLU A 171 -21.38 -5.48 32.86
C GLU A 171 -21.05 -6.56 33.88
N ASN A 172 -20.82 -6.16 35.12
CA ASN A 172 -20.36 -7.06 36.15
C ASN A 172 -20.73 -6.44 37.50
N ALA A 173 -20.15 -6.96 38.58
CA ALA A 173 -20.36 -6.42 39.92
C ALA A 173 -19.08 -6.15 40.69
N HIS A 174 -17.97 -6.77 40.32
CA HIS A 174 -16.69 -6.54 41.00
C HIS A 174 -15.87 -5.47 40.32
N LYS A 175 -15.56 -5.66 39.03
CA LYS A 175 -14.85 -4.67 38.25
C LYS A 175 -15.20 -4.89 36.78
N LYS A 176 -15.42 -3.81 36.06
CA LYS A 176 -15.81 -3.87 34.67
C LYS A 176 -14.58 -3.86 33.76
N ALA A 177 -14.81 -3.99 32.47
CA ALA A 177 -13.74 -3.98 31.47
C ALA A 177 -13.86 -2.71 30.63
N ASP A 178 -12.80 -1.91 30.63
CA ASP A 178 -12.78 -0.67 29.84
C ASP A 178 -12.60 -1.02 28.36
N ILE A 179 -13.59 -0.65 27.55
CA ILE A 179 -13.51 -0.89 26.12
C ILE A 179 -12.48 0.02 25.45
N ARG A 180 -12.27 1.22 25.99
CA ARG A 180 -11.36 2.19 25.40
C ARG A 180 -9.89 1.88 25.62
N ARG A 181 -9.56 0.80 26.33
CA ARG A 181 -8.17 0.52 26.69
C ARG A 181 -7.37 0.07 25.49
N GLN A 182 -6.19 0.67 25.33
CA GLN A 182 -5.27 0.34 24.26
C GLN A 182 -4.32 -0.75 24.70
N ASP A 183 -3.28 -1.00 23.91
CA ASP A 183 -2.22 -1.93 24.27
C ASP A 183 -0.86 -1.26 24.12
N SER A 184 0.22 -2.05 24.16
CA SER A 184 1.55 -1.52 23.89
C SER A 184 1.70 -1.03 22.45
N ARG A 185 0.91 -1.56 21.52
CA ARG A 185 0.84 -1.03 20.18
C ARG A 185 -0.20 0.08 20.02
N GLY A 186 -0.87 0.44 21.11
CA GLY A 186 -1.85 1.52 21.04
C GLY A 186 -3.14 1.16 20.34
N ASN A 187 -3.44 -0.13 20.19
CA ASN A 187 -4.61 -0.58 19.47
C ASN A 187 -5.72 -0.94 20.44
N THR A 188 -6.95 -0.58 20.07
CA THR A 188 -8.12 -0.86 20.89
C THR A 188 -8.73 -2.20 20.48
N VAL A 189 -9.95 -2.46 20.95
CA VAL A 189 -10.62 -3.73 20.67
C VAL A 189 -11.03 -3.83 19.21
N LEU A 190 -11.24 -2.69 18.54
CA LEU A 190 -11.69 -2.74 17.15
C LEU A 190 -10.55 -3.09 16.22
N HIS A 191 -9.33 -2.63 16.54
CA HIS A 191 -8.19 -2.84 15.65
C HIS A 191 -7.78 -4.30 15.59
N ALA A 192 -7.98 -5.04 16.69
CA ALA A 192 -7.71 -6.47 16.67
C ALA A 192 -8.72 -7.22 15.81
N LEU A 193 -9.95 -6.73 15.74
CA LEU A 193 -10.95 -7.34 14.88
C LEU A 193 -10.61 -7.13 13.41
N VAL A 194 -10.00 -5.99 13.09
CA VAL A 194 -9.56 -5.73 11.73
C VAL A 194 -8.36 -6.61 11.38
N ALA A 195 -7.47 -6.83 12.35
CA ALA A 195 -6.24 -7.57 12.10
C ALA A 195 -6.47 -9.07 11.92
N ILE A 196 -7.59 -9.60 12.41
CA ILE A 196 -7.91 -11.00 12.23
C ILE A 196 -8.94 -11.21 11.14
N ALA A 197 -9.32 -10.14 10.44
CA ALA A 197 -10.41 -10.21 9.46
C ALA A 197 -9.90 -10.82 8.16
N ASP A 198 -9.77 -12.14 8.17
CA ASP A 198 -9.47 -12.86 6.94
C ASP A 198 -10.68 -12.80 6.02
N ASN A 199 -10.44 -12.46 4.75
CA ASN A 199 -11.51 -12.24 3.78
C ASN A 199 -11.99 -13.61 3.29
N THR A 200 -12.80 -14.26 4.13
CA THR A 200 -13.41 -15.55 3.82
C THR A 200 -14.92 -15.43 3.96
N ARG A 201 -15.60 -16.58 3.94
CA ARG A 201 -17.05 -16.57 4.11
C ARG A 201 -17.43 -16.42 5.58
N GLU A 202 -16.87 -17.26 6.44
CA GLU A 202 -17.27 -17.29 7.84
C GLU A 202 -16.71 -16.10 8.61
N ASN A 203 -15.47 -15.71 8.32
CA ASN A 203 -14.81 -14.71 9.15
C ASN A 203 -15.35 -13.31 8.89
N THR A 204 -15.83 -13.04 7.67
CA THR A 204 -16.47 -11.75 7.43
C THR A 204 -17.86 -11.67 8.03
N LYS A 205 -18.42 -12.78 8.53
CA LYS A 205 -19.76 -12.74 9.10
C LYS A 205 -19.74 -12.17 10.52
N PHE A 206 -19.06 -12.85 11.45
CA PHE A 206 -19.23 -12.52 12.85
C PHE A 206 -18.49 -11.26 13.27
N VAL A 207 -17.47 -10.85 12.52
CA VAL A 207 -16.75 -9.63 12.87
C VAL A 207 -17.66 -8.42 12.68
N THR A 208 -18.55 -8.47 11.68
CA THR A 208 -19.57 -7.44 11.53
C THR A 208 -20.59 -7.48 12.66
N LYS A 209 -20.80 -8.65 13.26
CA LYS A 209 -21.73 -8.75 14.39
C LYS A 209 -21.13 -8.14 15.64
N VAL A 210 -19.84 -8.36 15.87
CA VAL A 210 -19.18 -7.84 17.07
C VAL A 210 -18.95 -6.34 16.95
N TYR A 211 -18.64 -5.87 15.73
CA TYR A 211 -18.37 -4.46 15.51
C TYR A 211 -19.61 -3.60 15.76
N ASP A 212 -20.78 -4.11 15.41
CA ASP A 212 -22.02 -3.43 15.77
C ASP A 212 -22.31 -3.54 17.26
N LEU A 213 -21.90 -4.65 17.88
CA LEU A 213 -22.24 -4.89 19.28
C LEU A 213 -21.44 -3.99 20.22
N LEU A 214 -20.18 -3.73 19.88
CA LEU A 214 -19.32 -3.00 20.80
C LEU A 214 -19.60 -1.51 20.79
N VAL A 215 -19.86 -0.95 19.61
CA VAL A 215 -19.99 0.51 19.49
C VAL A 215 -21.29 0.98 20.14
N ILE A 216 -22.38 0.21 19.96
CA ILE A 216 -23.63 0.50 20.64
C ILE A 216 -23.46 0.40 22.15
N LYS A 217 -22.73 -0.62 22.60
CA LYS A 217 -22.44 -0.77 24.02
C LYS A 217 -21.51 0.31 24.52
N CYS A 218 -20.65 0.84 23.65
CA CYS A 218 -19.78 1.94 24.05
C CYS A 218 -20.56 3.25 24.19
N VAL A 219 -21.60 3.43 23.37
CA VAL A 219 -22.41 4.64 23.47
C VAL A 219 -23.35 4.57 24.66
N LYS A 220 -23.91 3.38 24.91
CA LYS A 220 -24.84 3.20 26.02
C LYS A 220 -24.15 3.37 27.38
N LEU A 221 -22.89 2.97 27.47
CA LEU A 221 -22.13 3.20 28.69
C LEU A 221 -21.44 4.55 28.70
N TYR A 222 -21.15 5.12 27.53
CA TYR A 222 -20.45 6.40 27.44
C TYR A 222 -21.03 7.18 26.27
N PRO A 223 -21.99 8.08 26.52
CA PRO A 223 -22.61 8.82 25.41
C PRO A 223 -21.73 9.91 24.84
N ASP A 224 -20.68 10.31 25.54
CA ASP A 224 -19.84 11.41 25.10
C ASP A 224 -18.86 10.98 24.00
N SER A 225 -18.19 9.85 24.17
CA SER A 225 -17.11 9.45 23.29
C SER A 225 -17.56 8.31 22.39
N SER A 226 -17.06 8.31 21.16
CA SER A 226 -17.23 7.20 20.24
C SER A 226 -15.95 6.36 20.20
N LEU A 227 -16.13 5.06 20.00
CA LEU A 227 -15.02 4.13 20.00
C LEU A 227 -14.20 4.23 18.71
N GLU A 228 -14.79 4.73 17.63
CA GLU A 228 -14.07 4.91 16.38
C GLU A 228 -13.11 6.10 16.45
N ALA A 229 -13.30 7.01 17.40
CA ALA A 229 -12.50 8.23 17.44
C ALA A 229 -11.08 7.97 17.91
N ILE A 230 -10.87 6.91 18.67
CA ILE A 230 -9.57 6.67 19.30
C ILE A 230 -8.60 6.13 18.26
N PHE A 231 -7.46 6.78 18.13
CA PHE A 231 -6.43 6.43 17.16
C PHE A 231 -5.35 5.56 17.80
N ASN A 232 -4.27 5.37 17.06
CA ASN A 232 -3.20 4.45 17.41
C ASN A 232 -1.89 5.23 17.59
N ASN A 233 -0.78 4.50 17.71
CA ASN A 233 0.52 5.15 17.69
C ASN A 233 0.88 5.71 16.32
N ASP A 234 0.20 5.27 15.26
CA ASP A 234 0.37 5.84 13.93
C ASP A 234 -0.82 6.71 13.53
N SER A 235 -1.68 7.05 14.49
CA SER A 235 -2.92 7.83 14.31
C SER A 235 -3.83 7.21 13.25
N MET A 236 -4.27 5.99 13.52
CA MET A 236 -5.05 5.23 12.57
C MET A 236 -6.38 4.84 13.20
N SER A 237 -7.47 5.11 12.49
CA SER A 237 -8.79 4.65 12.90
C SER A 237 -8.91 3.20 12.47
N PRO A 238 -9.96 2.48 12.92
CA PRO A 238 -10.20 1.14 12.33
C PRO A 238 -10.52 1.17 10.86
N LEU A 239 -11.11 2.27 10.36
CA LEU A 239 -11.30 2.40 8.92
C LEU A 239 -9.97 2.72 8.24
N MET A 240 -9.10 3.48 8.89
CA MET A 240 -7.78 3.77 8.35
C MET A 240 -6.89 2.53 8.36
N MET A 241 -7.10 1.63 9.33
CA MET A 241 -6.26 0.43 9.43
C MET A 241 -6.64 -0.61 8.38
N ALA A 242 -7.94 -0.72 8.05
CA ALA A 242 -8.40 -1.74 7.11
C ALA A 242 -7.89 -1.54 5.70
N ALA A 243 -7.53 -0.32 5.33
CA ALA A 243 -6.91 -0.11 4.03
C ALA A 243 -5.45 -0.57 4.03
N LYS A 244 -4.79 -0.56 5.18
CA LYS A 244 -3.38 -0.93 5.22
C LYS A 244 -3.20 -2.43 5.05
N LEU A 245 -3.92 -3.22 5.84
CA LEU A 245 -3.75 -4.67 5.82
C LEU A 245 -4.56 -5.34 4.72
N GLY A 246 -5.21 -4.57 3.85
CA GLY A 246 -5.91 -5.11 2.71
C GLY A 246 -7.16 -5.89 3.07
N LYS A 247 -7.99 -5.32 3.95
CA LYS A 247 -9.18 -5.99 4.43
C LYS A 247 -10.40 -5.42 3.73
N ILE A 248 -11.36 -6.29 3.41
CA ILE A 248 -12.50 -5.93 2.59
C ILE A 248 -13.81 -6.04 3.35
N GLY A 249 -14.01 -7.14 4.08
CA GLY A 249 -15.29 -7.36 4.75
C GLY A 249 -15.55 -6.40 5.88
N ILE A 250 -14.53 -6.11 6.68
CA ILE A 250 -14.67 -5.07 7.69
C ILE A 250 -14.65 -3.69 7.04
N PHE A 251 -14.08 -3.56 5.84
CA PHE A 251 -14.10 -2.28 5.16
C PHE A 251 -15.48 -1.94 4.63
N GLN A 252 -16.14 -2.91 4.00
CA GLN A 252 -17.45 -2.65 3.40
C GLN A 252 -18.57 -2.58 4.43
N HIS A 253 -18.30 -2.93 5.68
CA HIS A 253 -19.30 -2.82 6.74
C HIS A 253 -19.21 -1.50 7.48
N ILE A 254 -18.01 -0.94 7.61
CA ILE A 254 -17.88 0.38 8.24
C ILE A 254 -18.43 1.45 7.31
N ILE A 255 -18.26 1.27 6.01
CA ILE A 255 -18.82 2.22 5.04
C ILE A 255 -20.34 2.09 4.99
N ARG A 256 -20.85 0.86 5.03
CA ARG A 256 -22.30 0.64 5.08
C ARG A 256 -22.70 0.43 6.53
N LEU A 257 -22.81 1.54 7.27
CA LEU A 257 -23.09 1.52 8.69
C LEU A 257 -24.35 2.31 8.97
N GLU A 258 -25.44 1.62 9.31
CA GLU A 258 -26.72 2.25 9.62
C GLU A 258 -27.28 1.52 10.85
N ILE A 259 -27.40 2.25 11.97
CA ILE A 259 -27.69 1.65 13.27
C ILE A 259 -29.11 2.01 13.67
N LYS A 260 -29.87 1.00 14.09
CA LYS A 260 -31.27 1.11 14.45
C LYS A 260 -31.48 1.52 15.91
N ASP A 261 -30.40 1.52 16.71
CA ASP A 261 -30.51 1.70 18.16
C ASP A 261 -30.97 3.09 18.57
N GLU A 262 -30.83 4.08 17.68
CA GLU A 262 -31.34 5.46 17.81
C GLU A 262 -30.68 6.25 18.93
N GLU A 263 -29.67 5.68 19.59
CA GLU A 263 -28.82 6.44 20.50
C GLU A 263 -27.38 6.52 20.00
N ALA A 264 -26.91 5.47 19.32
CA ALA A 264 -25.67 5.52 18.55
C ALA A 264 -26.08 5.79 17.10
N ARG A 265 -26.63 6.98 16.88
CA ARG A 265 -27.17 7.35 15.59
C ARG A 265 -26.31 8.43 14.97
N HIS A 266 -25.74 9.29 15.81
CA HIS A 266 -24.89 10.38 15.35
C HIS A 266 -23.57 9.91 14.77
N LEU A 267 -23.21 8.64 14.94
CA LEU A 267 -22.03 8.06 14.34
C LEU A 267 -22.37 7.10 13.19
N SER A 268 -23.63 7.01 12.80
CA SER A 268 -23.99 6.17 11.69
C SER A 268 -23.49 6.78 10.38
N ARG A 269 -23.21 5.93 9.41
CA ARG A 269 -22.55 6.34 8.19
C ARG A 269 -23.48 6.44 6.99
N LYS A 270 -24.36 5.46 6.82
CA LYS A 270 -25.31 5.44 5.71
C LYS A 270 -26.64 6.03 6.16
N PHE A 271 -27.28 6.80 5.27
CA PHE A 271 -28.53 7.46 5.61
C PHE A 271 -29.53 7.26 4.48
N ARG A 272 -30.76 7.67 4.74
CA ARG A 272 -31.88 7.59 3.79
C ARG A 272 -32.53 8.96 3.71
N ASP A 273 -32.33 9.66 2.60
CA ASP A 273 -32.83 11.03 2.49
C ASP A 273 -34.31 11.05 2.15
N TRP A 274 -34.67 10.51 0.99
CA TRP A 274 -36.06 10.47 0.56
C TRP A 274 -36.26 9.25 -0.32
N ALA A 275 -37.48 8.71 -0.27
CA ALA A 275 -37.81 7.40 -0.80
C ALA A 275 -39.03 7.48 -1.70
N TYR A 276 -38.99 8.37 -2.68
CA TYR A 276 -40.14 8.58 -3.55
C TYR A 276 -40.35 7.38 -4.49
N GLY A 277 -40.94 6.32 -3.97
CA GLY A 277 -41.25 5.14 -4.74
C GLY A 277 -40.05 4.35 -5.21
N PRO A 278 -39.84 4.31 -6.52
CA PRO A 278 -38.75 3.49 -7.06
C PRO A 278 -37.37 4.07 -6.81
N VAL A 279 -37.27 5.36 -6.51
CA VAL A 279 -35.97 6.03 -6.40
C VAL A 279 -35.65 6.22 -4.93
N TYR A 280 -34.55 5.59 -4.50
CA TYR A 280 -34.03 5.79 -3.16
C TYR A 280 -32.88 6.78 -3.18
N SER A 281 -32.78 7.58 -2.12
CA SER A 281 -31.75 8.61 -2.01
C SER A 281 -30.88 8.29 -0.81
N SER A 282 -29.85 7.48 -1.03
CA SER A 282 -28.92 7.17 0.05
C SER A 282 -27.97 8.34 0.26
N LEU A 283 -27.19 8.26 1.33
CA LEU A 283 -26.36 9.38 1.74
C LEU A 283 -25.15 8.83 2.50
N TYR A 284 -23.97 8.98 1.92
CA TYR A 284 -22.72 8.55 2.53
C TYR A 284 -21.93 9.75 3.01
N ASP A 285 -21.32 9.62 4.19
CA ASP A 285 -20.53 10.70 4.76
C ASP A 285 -19.11 10.65 4.21
N LEU A 286 -18.61 11.80 3.79
CA LEU A 286 -17.20 11.96 3.43
C LEU A 286 -16.39 12.43 4.62
N SER A 287 -16.48 11.69 5.73
CA SER A 287 -15.86 12.13 6.98
C SER A 287 -14.34 12.01 6.91
N MET A 288 -13.84 10.86 6.50
CA MET A 288 -12.41 10.66 6.35
C MET A 288 -12.00 10.28 4.95
N LEU A 289 -12.94 10.26 4.00
CA LEU A 289 -12.62 9.81 2.65
C LEU A 289 -11.85 10.86 1.87
N ASP A 290 -12.30 12.12 1.91
CA ASP A 290 -11.58 13.23 1.29
C ASP A 290 -11.26 14.25 2.38
N THR A 291 -10.15 14.04 3.07
CA THR A 291 -9.71 14.98 4.11
C THR A 291 -9.17 16.23 3.42
N CYS A 292 -9.92 17.32 3.50
CA CYS A 292 -9.52 18.55 2.83
C CYS A 292 -8.37 19.23 3.58
N GLY A 293 -8.59 19.59 4.84
CA GLY A 293 -7.57 20.25 5.62
C GLY A 293 -7.11 19.44 6.81
N GLU A 294 -6.99 18.14 6.64
CA GLU A 294 -6.56 17.25 7.71
C GLU A 294 -5.23 16.59 7.32
N GLU A 295 -4.81 15.62 8.14
CA GLU A 295 -3.48 15.04 7.99
C GLU A 295 -3.41 14.09 6.80
N VAL A 296 -4.19 13.02 6.84
CA VAL A 296 -4.08 11.94 5.85
C VAL A 296 -5.45 11.28 5.73
N SER A 297 -5.77 10.82 4.52
CA SER A 297 -7.10 10.35 4.17
C SER A 297 -7.16 8.83 4.05
N VAL A 298 -8.39 8.33 3.95
CA VAL A 298 -8.61 6.93 3.63
C VAL A 298 -8.16 6.65 2.19
N LEU A 299 -8.59 7.51 1.27
CA LEU A 299 -8.36 7.29 -0.16
C LEU A 299 -6.88 7.38 -0.51
N GLU A 300 -6.12 8.17 0.25
CA GLU A 300 -4.68 8.27 0.00
C GLU A 300 -3.96 6.98 0.34
N ILE A 301 -4.40 6.30 1.41
CA ILE A 301 -3.78 5.03 1.78
C ILE A 301 -4.21 3.93 0.83
N LEU A 302 -5.38 4.08 0.21
CA LEU A 302 -5.81 3.13 -0.83
C LEU A 302 -4.90 3.18 -2.04
N VAL A 303 -4.28 4.32 -2.30
CA VAL A 303 -3.46 4.49 -3.48
C VAL A 303 -1.96 4.54 -3.15
N TYR A 304 -1.55 5.36 -2.21
CA TYR A 304 -0.14 5.64 -1.99
C TYR A 304 0.57 4.66 -1.07
N ASN A 305 -0.14 3.98 -0.18
CA ASN A 305 0.49 3.21 0.89
C ASN A 305 0.23 1.72 0.82
N SER A 306 -0.99 1.31 0.50
CA SER A 306 -1.35 -0.10 0.50
C SER A 306 -0.70 -0.84 -0.66
N LYS A 307 0.04 -1.90 -0.34
CA LYS A 307 0.67 -2.75 -1.34
C LYS A 307 0.00 -4.11 -1.43
N VAL A 308 -1.25 -4.21 -1.04
CA VAL A 308 -1.99 -5.46 -1.04
C VAL A 308 -2.63 -5.63 -2.41
N GLU A 309 -2.77 -6.88 -2.86
CA GLU A 309 -3.38 -7.18 -4.15
C GLU A 309 -4.86 -6.79 -4.19
N ASN A 310 -5.53 -6.77 -3.03
CA ASN A 310 -6.97 -6.53 -2.95
C ASN A 310 -7.37 -5.08 -3.20
N ARG A 311 -6.43 -4.17 -3.47
CA ARG A 311 -6.73 -2.76 -3.69
C ARG A 311 -7.51 -2.53 -4.97
N HIS A 312 -7.49 -3.46 -5.91
CA HIS A 312 -8.33 -3.33 -7.10
C HIS A 312 -9.79 -3.58 -6.75
N GLU A 313 -10.04 -4.59 -5.92
CA GLU A 313 -11.40 -4.85 -5.44
C GLU A 313 -11.82 -3.79 -4.44
N MET A 314 -10.87 -3.29 -3.65
CA MET A 314 -11.21 -2.37 -2.56
C MET A 314 -11.60 -0.99 -3.07
N LEU A 315 -11.12 -0.61 -4.26
CA LEU A 315 -11.62 0.62 -4.86
C LEU A 315 -12.99 0.44 -5.49
N ALA A 316 -13.44 -0.79 -5.67
CA ALA A 316 -14.74 -1.07 -6.26
C ALA A 316 -15.87 -1.14 -5.24
N VAL A 317 -15.69 -0.50 -4.08
CA VAL A 317 -16.75 -0.34 -3.11
C VAL A 317 -17.65 0.79 -3.56
N GLU A 318 -18.79 0.97 -2.87
CA GLU A 318 -19.87 1.80 -3.40
C GLU A 318 -19.53 3.29 -3.49
N PRO A 319 -19.10 4.02 -2.42
CA PRO A 319 -19.00 5.48 -2.59
C PRO A 319 -17.79 5.93 -3.40
N ILE A 320 -16.71 5.15 -3.34
CA ILE A 320 -15.44 5.57 -3.95
C ILE A 320 -15.51 5.45 -5.47
N ASN A 321 -16.35 4.55 -5.98
CA ASN A 321 -16.60 4.50 -7.42
C ASN A 321 -17.28 5.76 -7.93
N GLU A 322 -18.07 6.42 -7.09
CA GLU A 322 -18.66 7.70 -7.44
C GLU A 322 -17.90 8.88 -6.89
N LEU A 323 -17.11 8.70 -5.83
CA LEU A 323 -16.31 9.80 -5.30
C LEU A 323 -15.17 10.15 -6.24
N LEU A 324 -14.58 9.16 -6.90
CA LEU A 324 -13.52 9.44 -7.86
C LEU A 324 -14.06 10.06 -9.13
N ARG A 325 -15.31 9.77 -9.49
CA ARG A 325 -15.93 10.42 -10.63
C ARG A 325 -16.35 11.86 -10.33
N ASP A 326 -16.42 12.24 -9.05
CA ASP A 326 -16.71 13.63 -8.71
C ASP A 326 -15.57 14.53 -9.11
N LYS A 327 -14.39 14.30 -8.54
CA LYS A 327 -13.23 15.13 -8.77
C LYS A 327 -12.60 14.89 -10.14
N TRP A 328 -12.98 13.85 -10.86
CA TRP A 328 -12.51 13.70 -12.22
C TRP A 328 -13.24 14.66 -13.16
N GLN A 329 -14.54 14.86 -12.92
CA GLN A 329 -15.33 15.74 -13.77
C GLN A 329 -15.01 17.22 -13.50
N LYS A 330 -14.49 17.51 -12.31
CA LYS A 330 -14.16 18.90 -11.99
C LYS A 330 -12.72 19.24 -12.32
N PHE A 331 -11.81 18.27 -12.23
CA PHE A 331 -10.39 18.55 -12.40
C PHE A 331 -9.76 17.90 -13.62
N GLY A 332 -10.45 16.97 -14.28
CA GLY A 332 -9.86 16.29 -15.42
C GLY A 332 -9.77 17.14 -16.66
N ALA A 333 -10.87 17.82 -17.01
CA ALA A 333 -10.89 18.64 -18.21
C ALA A 333 -10.03 19.89 -18.04
N VAL A 334 -9.91 20.39 -16.82
CA VAL A 334 -9.11 21.58 -16.55
C VAL A 334 -7.62 21.27 -16.62
N SER A 335 -7.18 20.20 -15.94
CA SER A 335 -5.76 19.89 -15.88
C SER A 335 -5.22 19.38 -17.21
N PHE A 336 -6.08 18.79 -18.03
CA PHE A 336 -5.65 18.36 -19.36
C PHE A 336 -5.41 19.56 -20.27
N TYR A 337 -6.28 20.57 -20.20
CA TYR A 337 -6.14 21.73 -21.08
C TYR A 337 -4.93 22.57 -20.72
N ILE A 338 -4.53 22.57 -19.46
CA ILE A 338 -3.30 23.25 -19.07
C ILE A 338 -2.09 22.52 -19.64
N SER A 339 -2.16 21.19 -19.67
CA SER A 339 -1.05 20.38 -20.20
C SER A 339 -0.89 20.57 -21.70
N VAL A 340 -1.97 20.88 -22.41
CA VAL A 340 -1.85 21.17 -23.84
C VAL A 340 -1.19 22.53 -24.04
N VAL A 341 -1.59 23.53 -23.26
CA VAL A 341 -1.06 24.88 -23.41
C VAL A 341 0.40 24.94 -22.97
N SER A 342 0.72 24.29 -21.85
CA SER A 342 2.08 24.31 -21.31
C SER A 342 3.08 23.56 -22.20
N TYR A 343 2.61 22.69 -23.08
CA TYR A 343 3.46 22.13 -24.11
C TYR A 343 3.63 23.09 -25.28
N LEU A 344 2.58 23.86 -25.61
CA LEU A 344 2.68 24.84 -26.67
C LEU A 344 3.58 26.00 -26.29
N ILE A 345 3.66 26.31 -24.99
CA ILE A 345 4.58 27.35 -24.54
C ILE A 345 6.02 26.91 -24.74
N ALA A 346 6.31 25.63 -24.49
CA ALA A 346 7.66 25.11 -24.67
C ALA A 346 8.05 24.99 -26.14
N MET A 347 7.09 25.03 -27.06
CA MET A 347 7.42 24.96 -28.48
C MET A 347 7.68 26.33 -29.08
N ILE A 348 6.87 27.33 -28.74
CA ILE A 348 7.02 28.68 -29.29
C ILE A 348 8.32 29.31 -28.80
N ILE A 349 8.77 28.94 -27.61
CA ILE A 349 10.11 29.33 -27.13
C ILE A 349 11.18 28.77 -28.05
N PHE A 350 11.06 27.49 -28.42
CA PHE A 350 12.09 26.85 -29.23
C PHE A 350 12.06 27.31 -30.67
N THR A 351 10.91 27.80 -31.16
CA THR A 351 10.87 28.38 -32.50
C THR A 351 11.63 29.70 -32.55
N LEU A 352 11.52 30.51 -31.50
CA LEU A 352 12.25 31.78 -31.44
C LEU A 352 13.75 31.57 -31.30
N ILE A 353 14.17 30.42 -30.79
CA ILE A 353 15.60 30.12 -30.73
C ILE A 353 16.13 29.81 -32.12
N ALA A 354 15.40 28.98 -32.88
CA ALA A 354 15.92 28.43 -34.12
C ALA A 354 16.00 29.47 -35.23
N TYR A 355 14.91 30.21 -35.44
CA TYR A 355 14.86 31.16 -36.54
C TYR A 355 15.63 32.45 -36.29
N TYR A 356 16.15 32.65 -35.09
CA TYR A 356 16.88 33.88 -34.76
C TYR A 356 18.34 33.62 -34.47
N ARG A 357 18.89 32.50 -34.93
CA ARG A 357 20.31 32.23 -34.75
C ARG A 357 21.13 33.13 -35.67
N PRO A 358 22.32 33.55 -35.22
CA PRO A 358 23.14 34.41 -36.09
C PRO A 358 23.75 33.65 -37.26
N MET A 359 24.12 32.38 -37.06
CA MET A 359 24.50 31.44 -38.13
C MET A 359 25.71 31.91 -38.94
N ASP A 360 26.86 32.00 -38.26
CA ASP A 360 28.09 32.33 -38.97
C ASP A 360 28.82 31.09 -39.46
N GLY A 361 28.77 30.01 -38.68
CA GLY A 361 29.56 28.82 -38.92
C GLY A 361 30.56 28.50 -37.83
N THR A 362 30.73 29.35 -36.82
CA THR A 362 31.65 29.12 -35.70
C THR A 362 30.89 29.19 -34.39
N PRO A 363 30.34 28.08 -33.92
CA PRO A 363 29.69 28.08 -32.61
C PRO A 363 30.71 27.78 -31.51
N PRO A 364 30.48 28.24 -30.28
CA PRO A 364 29.39 29.10 -29.79
C PRO A 364 29.61 30.59 -30.08
N TYR A 365 28.91 31.45 -29.35
CA TYR A 365 28.82 32.87 -29.66
C TYR A 365 29.11 33.70 -28.42
N PRO A 366 29.56 34.95 -28.61
CA PRO A 366 29.63 35.87 -27.47
C PRO A 366 28.24 36.29 -27.02
N TYR A 367 27.92 36.02 -25.77
CA TYR A 367 26.58 36.24 -25.23
C TYR A 367 26.54 37.56 -24.47
N ARG A 368 26.77 38.64 -25.22
CA ARG A 368 26.82 39.99 -24.67
C ARG A 368 25.67 40.88 -25.12
N THR A 369 25.09 40.60 -26.27
CA THR A 369 23.96 41.40 -26.76
C THR A 369 22.71 41.09 -25.95
N THR A 370 22.03 42.14 -25.49
CA THR A 370 20.85 41.97 -24.65
C THR A 370 19.70 41.33 -25.44
N MET A 371 19.51 41.74 -26.70
CA MET A 371 18.49 41.11 -27.52
C MET A 371 18.89 39.70 -27.97
N ASP A 372 20.17 39.33 -27.86
CA ASP A 372 20.58 37.94 -27.97
C ASP A 372 20.63 37.25 -26.62
N TYR A 373 20.66 38.02 -25.53
CA TYR A 373 20.55 37.45 -24.19
C TYR A 373 19.14 36.95 -23.91
N MET A 374 18.14 37.49 -24.62
CA MET A 374 16.77 37.07 -24.42
C MET A 374 16.52 35.66 -24.94
N ARG A 375 16.99 35.37 -26.16
CA ARG A 375 16.92 34.02 -26.70
C ARG A 375 17.90 33.08 -26.04
N LEU A 376 18.90 33.61 -25.33
CA LEU A 376 19.78 32.76 -24.53
C LEU A 376 19.03 32.11 -23.37
N ALA A 377 18.03 32.80 -22.82
CA ALA A 377 17.25 32.26 -21.73
C ALA A 377 16.38 31.10 -22.18
N GLY A 378 16.00 31.06 -23.46
CA GLY A 378 15.18 29.97 -23.96
C GLY A 378 15.88 28.64 -24.00
N GLU A 379 17.22 28.64 -24.11
CA GLU A 379 17.96 27.39 -24.05
C GLU A 379 17.93 26.79 -22.65
N ILE A 380 17.78 27.64 -21.63
CA ILE A 380 17.62 27.14 -20.28
C ILE A 380 16.26 26.44 -20.13
N VAL A 381 15.25 26.98 -20.78
CA VAL A 381 13.90 26.42 -20.67
C VAL A 381 13.79 25.12 -21.45
N THR A 382 14.35 25.09 -22.66
CA THR A 382 14.15 23.95 -23.54
C THR A 382 14.99 22.75 -23.12
N LEU A 383 16.28 22.98 -22.84
CA LEU A 383 17.20 21.88 -22.55
C LEU A 383 16.86 21.20 -21.25
N LEU A 384 16.58 21.98 -20.20
CA LEU A 384 16.39 21.39 -18.87
C LEU A 384 15.07 20.64 -18.77
N THR A 385 14.09 20.99 -19.60
CA THR A 385 12.87 20.20 -19.67
C THR A 385 13.14 18.82 -20.26
N GLY A 386 14.01 18.75 -21.27
CA GLY A 386 14.44 17.46 -21.78
C GLY A 386 15.31 16.69 -20.82
N VAL A 387 16.06 17.40 -19.96
CA VAL A 387 16.92 16.74 -18.99
C VAL A 387 16.10 16.09 -17.88
N VAL A 388 15.07 16.79 -17.40
CA VAL A 388 14.21 16.26 -16.34
C VAL A 388 13.44 15.04 -16.83
N PHE A 389 12.97 15.08 -18.09
CA PHE A 389 12.26 13.94 -18.63
C PHE A 389 13.21 12.78 -18.92
N PHE A 390 14.49 13.06 -19.13
CA PHE A 390 15.45 12.01 -19.42
C PHE A 390 15.86 11.24 -18.18
N ILE A 391 16.14 11.96 -17.09
CA ILE A 391 16.73 11.33 -15.91
C ILE A 391 15.67 10.75 -14.98
N THR A 392 14.43 11.20 -15.07
CA THR A 392 13.38 10.64 -14.21
C THR A 392 12.89 9.30 -14.74
N ASN A 393 12.81 9.15 -16.07
CA ASN A 393 12.28 7.93 -16.65
C ASN A 393 13.28 6.78 -16.57
N ILE A 394 14.58 7.07 -16.67
CA ILE A 394 15.56 6.02 -16.45
C ILE A 394 15.61 5.63 -14.98
N LYS A 395 15.29 6.56 -14.08
CA LYS A 395 15.15 6.20 -12.67
C LYS A 395 13.86 5.44 -12.43
N ASP A 396 12.80 5.79 -13.15
CA ASP A 396 11.53 5.07 -13.02
C ASP A 396 11.62 3.68 -13.63
N LEU A 397 12.53 3.48 -14.59
CA LEU A 397 12.77 2.16 -15.13
C LEU A 397 13.37 1.24 -14.08
N PHE A 398 14.39 1.73 -13.36
CA PHE A 398 15.07 0.89 -12.37
C PHE A 398 14.22 0.71 -11.12
N MET A 399 13.58 1.78 -10.67
CA MET A 399 12.71 1.71 -9.50
C MET A 399 11.39 1.05 -9.83
N VAL A 405 3.33 6.11 -19.01
CA VAL A 405 2.29 5.40 -19.75
C VAL A 405 0.91 5.75 -19.21
N ASN A 406 0.78 6.98 -18.72
CA ASN A 406 -0.51 7.48 -18.26
C ASN A 406 -1.37 7.80 -19.47
N SER A 407 -2.04 6.76 -20.01
CA SER A 407 -2.81 6.90 -21.24
C SER A 407 -4.19 7.52 -21.03
N LEU A 408 -4.46 8.05 -19.84
CA LEU A 408 -5.64 8.86 -19.57
C LEU A 408 -5.64 10.10 -20.45
N PHE A 409 -4.65 10.97 -20.24
CA PHE A 409 -4.55 12.19 -21.01
C PHE A 409 -4.08 11.90 -22.42
N ILE A 410 -2.85 11.42 -22.55
CA ILE A 410 -2.19 11.17 -23.83
C ILE A 410 -1.76 9.72 -23.82
N ASP A 411 -1.98 9.01 -24.94
CA ASP A 411 -1.67 7.59 -25.00
C ASP A 411 -0.15 7.33 -24.92
N GLY A 412 0.19 6.09 -24.57
CA GLY A 412 1.55 5.72 -24.23
C GLY A 412 2.55 5.76 -25.37
N SER A 413 2.07 5.92 -26.61
CA SER A 413 2.99 6.11 -27.72
C SER A 413 3.67 7.47 -27.69
N PHE A 414 3.11 8.43 -26.97
CA PHE A 414 3.70 9.76 -26.92
C PHE A 414 4.95 9.78 -26.04
N GLN A 415 4.94 9.01 -24.94
CA GLN A 415 6.05 9.01 -23.99
C GLN A 415 7.33 8.48 -24.62
N LEU A 416 7.20 7.55 -25.56
CA LEU A 416 8.38 7.11 -26.31
C LEU A 416 8.80 8.17 -27.31
N LEU A 417 7.84 8.83 -27.95
CA LEU A 417 8.18 9.82 -28.97
C LEU A 417 8.71 11.10 -28.35
N TYR A 418 8.16 11.51 -27.21
CA TYR A 418 8.69 12.65 -26.50
C TYR A 418 10.06 12.34 -25.89
N PHE A 419 10.36 11.06 -25.65
CA PHE A 419 11.69 10.68 -25.23
C PHE A 419 12.69 10.87 -26.37
N ILE A 420 12.29 10.53 -27.60
CA ILE A 420 13.16 10.73 -28.75
C ILE A 420 13.37 12.21 -29.01
N TYR A 421 12.34 13.02 -28.74
CA TYR A 421 12.51 14.46 -28.69
C TYR A 421 13.50 14.86 -27.61
N SER A 422 13.47 14.19 -26.47
CA SER A 422 14.36 14.54 -25.37
C SER A 422 15.80 14.11 -25.65
N VAL A 423 15.99 13.06 -26.45
CA VAL A 423 17.34 12.60 -26.76
C VAL A 423 18.01 13.56 -27.73
N LEU A 424 17.26 14.05 -28.72
CA LEU A 424 17.85 14.89 -29.75
C LEU A 424 18.18 16.30 -29.24
N VAL A 425 17.59 16.73 -28.14
CA VAL A 425 17.92 18.04 -27.58
C VAL A 425 19.30 18.02 -26.94
N ILE A 426 19.57 16.99 -26.13
CA ILE A 426 20.84 16.95 -25.42
C ILE A 426 21.99 16.58 -26.36
N ILE A 427 21.69 15.90 -27.47
CA ILE A 427 22.70 15.71 -28.51
C ILE A 427 23.00 17.03 -29.20
N THR A 428 21.96 17.85 -29.42
CA THR A 428 22.13 19.15 -30.04
C THR A 428 22.98 20.07 -29.18
N ALA A 429 22.79 20.00 -27.85
CA ALA A 429 23.52 20.88 -26.93
C ALA A 429 25.01 20.55 -26.88
N VAL A 430 25.38 19.31 -27.21
CA VAL A 430 26.79 18.96 -27.24
C VAL A 430 27.46 19.53 -28.49
N LEU A 431 26.79 19.45 -29.63
CA LEU A 431 27.44 19.61 -30.93
C LEU A 431 27.89 21.04 -31.22
N TYR A 432 27.22 22.05 -30.68
CA TYR A 432 27.74 23.40 -30.84
C TYR A 432 28.69 23.79 -29.72
N LEU A 433 28.88 22.93 -28.73
CA LEU A 433 29.94 23.11 -27.75
C LEU A 433 31.22 22.38 -28.10
N VAL A 434 31.12 21.36 -28.97
CA VAL A 434 32.33 20.75 -29.51
C VAL A 434 33.03 21.71 -30.46
N GLY A 435 32.27 22.40 -31.31
CA GLY A 435 32.83 23.34 -32.25
C GLY A 435 32.45 23.01 -33.67
N ILE A 436 31.59 22.01 -33.85
CA ILE A 436 31.16 21.56 -35.17
C ILE A 436 29.84 22.23 -35.49
N GLU A 437 29.81 22.97 -36.59
CA GLU A 437 28.69 23.84 -36.95
C GLU A 437 27.52 23.08 -37.58
N SER A 438 27.56 21.76 -37.66
CA SER A 438 26.47 20.98 -38.23
C SER A 438 25.41 20.63 -37.19
N TYR A 439 25.37 21.35 -36.07
CA TYR A 439 24.33 21.20 -35.07
C TYR A 439 22.97 21.65 -35.58
N LEU A 440 22.97 22.53 -36.58
CA LEU A 440 21.74 23.17 -37.07
C LEU A 440 20.79 22.20 -37.74
N ALA A 441 21.29 21.06 -38.23
CA ALA A 441 20.41 20.08 -38.85
C ALA A 441 19.57 19.36 -37.81
N VAL A 442 20.20 18.94 -36.71
CA VAL A 442 19.49 18.20 -35.68
C VAL A 442 18.56 19.13 -34.90
N MET A 443 18.93 20.40 -34.77
CA MET A 443 18.17 21.33 -33.94
C MET A 443 16.80 21.62 -34.54
N VAL A 444 16.74 21.78 -35.87
CA VAL A 444 15.47 22.02 -36.51
C VAL A 444 14.74 20.70 -36.76
N PHE A 445 15.47 19.58 -36.70
CA PHE A 445 14.84 18.27 -36.87
C PHE A 445 13.87 17.96 -35.74
N ALA A 446 14.28 18.20 -34.50
CA ALA A 446 13.38 17.96 -33.37
C ALA A 446 12.26 19.00 -33.32
N LEU A 447 12.47 20.16 -33.94
CA LEU A 447 11.41 21.15 -34.05
C LEU A 447 10.26 20.65 -34.92
N VAL A 448 10.56 19.82 -35.91
CA VAL A 448 9.51 19.29 -36.77
C VAL A 448 8.68 18.25 -36.02
N LEU A 449 9.34 17.44 -35.18
CA LEU A 449 8.62 16.42 -34.42
C LEU A 449 7.74 17.04 -33.35
N GLY A 450 8.21 18.11 -32.70
CA GLY A 450 7.48 18.67 -31.58
C GLY A 450 6.16 19.30 -31.96
N TRP A 451 6.07 19.86 -33.15
CA TRP A 451 4.77 20.31 -33.64
C TRP A 451 3.93 19.14 -34.14
N MET A 452 4.57 18.07 -34.60
CA MET A 452 3.86 16.88 -35.01
C MET A 452 3.58 15.93 -33.85
N ASN A 453 4.22 16.15 -32.70
CA ASN A 453 3.80 15.44 -31.49
C ASN A 453 2.50 15.98 -30.94
N ALA A 454 2.09 17.18 -31.36
CA ALA A 454 0.83 17.77 -30.92
C ALA A 454 -0.38 17.07 -31.52
N LEU A 455 -0.20 16.16 -32.47
CA LEU A 455 -1.31 15.42 -33.06
C LEU A 455 -1.88 14.35 -32.13
N TYR A 456 -1.23 14.06 -31.01
CA TYR A 456 -1.81 13.19 -30.00
C TYR A 456 -2.71 13.95 -29.04
N PHE A 457 -2.75 15.28 -29.13
CA PHE A 457 -3.63 16.08 -28.30
C PHE A 457 -5.07 16.06 -28.79
N THR A 458 -5.30 15.63 -30.02
CA THR A 458 -6.61 15.70 -30.65
C THR A 458 -7.53 14.55 -30.25
N ARG A 459 -7.05 13.60 -29.45
CA ARG A 459 -7.92 12.50 -29.04
C ARG A 459 -8.96 12.99 -28.03
N GLY A 460 -8.55 13.81 -27.08
CA GLY A 460 -9.45 14.28 -26.06
C GLY A 460 -9.11 13.71 -24.70
N LEU A 461 -9.93 12.79 -24.21
CA LEU A 461 -9.71 12.15 -22.93
C LEU A 461 -10.28 10.75 -22.98
N LYS A 462 -9.54 9.78 -22.44
CA LYS A 462 -9.92 8.38 -22.48
C LYS A 462 -10.20 7.88 -21.07
N LEU A 463 -11.33 7.19 -20.91
CA LEU A 463 -11.70 6.59 -19.63
C LEU A 463 -11.98 5.10 -19.71
N THR A 464 -12.22 4.54 -20.89
CA THR A 464 -12.46 3.12 -21.04
C THR A 464 -11.14 2.42 -21.32
N GLY A 465 -10.82 1.40 -20.52
CA GLY A 465 -9.52 0.77 -20.61
C GLY A 465 -9.45 -0.26 -21.73
N THR A 466 -8.41 -0.12 -22.56
CA THR A 466 -8.12 -1.13 -23.55
C THR A 466 -7.04 -2.07 -23.01
N TYR A 467 -6.65 -3.05 -23.83
CA TYR A 467 -5.66 -4.03 -23.43
C TYR A 467 -4.25 -3.64 -23.86
N SER A 468 -4.12 -2.69 -24.79
CA SER A 468 -2.83 -2.24 -25.30
C SER A 468 -2.10 -1.31 -24.34
N ILE A 469 -2.73 -0.90 -23.25
CA ILE A 469 -2.15 0.07 -22.34
C ILE A 469 -1.02 -0.56 -21.53
N MET A 470 -1.24 -1.78 -21.05
CA MET A 470 -0.16 -2.50 -20.37
C MET A 470 0.91 -2.96 -21.35
N LEU A 471 0.54 -3.12 -22.63
CA LEU A 471 1.51 -3.52 -23.63
C LEU A 471 2.54 -2.43 -23.90
N GLN A 472 2.10 -1.19 -23.97
CA GLN A 472 2.99 -0.10 -24.36
C GLN A 472 3.96 0.30 -23.26
N LYS A 473 3.78 -0.18 -22.04
CA LYS A 473 4.82 -0.02 -21.03
C LYS A 473 6.01 -0.91 -21.35
N ILE A 474 5.74 -2.17 -21.69
CA ILE A 474 6.80 -3.11 -22.03
C ILE A 474 7.43 -2.75 -23.38
N LEU A 475 6.65 -2.14 -24.27
CA LEU A 475 7.21 -1.58 -25.50
C LEU A 475 8.22 -0.48 -25.18
N PHE A 476 7.90 0.38 -24.22
CA PHE A 476 8.84 1.41 -23.79
C PHE A 476 9.93 0.83 -22.91
N LYS A 477 9.64 -0.28 -22.21
CA LYS A 477 10.62 -0.84 -21.28
C LYS A 477 11.78 -1.47 -22.02
N ASP A 478 11.52 -2.12 -23.14
CA ASP A 478 12.54 -2.93 -23.79
C ASP A 478 13.19 -2.25 -24.99
N LEU A 479 12.49 -1.35 -25.68
CA LEU A 479 13.14 -0.60 -26.75
C LEU A 479 14.18 0.37 -26.20
N PHE A 480 13.96 0.90 -25.00
CA PHE A 480 15.02 1.64 -24.33
C PHE A 480 16.17 0.72 -23.95
N ARG A 481 15.86 -0.52 -23.58
CA ARG A 481 16.91 -1.52 -23.39
C ARG A 481 17.51 -1.93 -24.72
N PHE A 482 16.72 -1.91 -25.79
CA PHE A 482 17.23 -2.29 -27.10
C PHE A 482 18.20 -1.26 -27.65
N LEU A 483 17.99 0.02 -27.33
CA LEU A 483 18.91 1.05 -27.78
C LEU A 483 20.22 1.03 -27.00
N LEU A 484 20.14 0.79 -25.69
CA LEU A 484 21.35 0.78 -24.88
C LEU A 484 22.18 -0.47 -25.13
N VAL A 485 21.53 -1.60 -25.45
CA VAL A 485 22.30 -2.79 -25.78
C VAL A 485 22.89 -2.65 -27.18
N TYR A 486 22.32 -1.76 -28.00
CA TYR A 486 22.93 -1.44 -29.27
C TYR A 486 24.17 -0.58 -29.07
N LEU A 487 23.99 0.60 -28.45
CA LEU A 487 25.03 1.61 -28.43
C LEU A 487 26.23 1.21 -27.57
N LEU A 488 25.99 0.45 -26.50
CA LEU A 488 27.11 -0.06 -25.73
C LEU A 488 27.87 -1.13 -26.50
N PHE A 489 27.19 -1.87 -27.37
CA PHE A 489 27.87 -2.86 -28.19
C PHE A 489 28.66 -2.21 -29.30
N MET A 490 28.17 -1.09 -29.83
CA MET A 490 28.89 -0.40 -30.90
C MET A 490 30.11 0.32 -30.35
N ILE A 491 29.98 0.92 -29.16
CA ILE A 491 31.13 1.53 -28.50
C ILE A 491 32.11 0.47 -28.06
N GLY A 492 31.60 -0.64 -27.52
CA GLY A 492 32.47 -1.67 -26.98
C GLY A 492 33.27 -2.39 -28.05
N TYR A 493 32.65 -2.66 -29.20
CA TYR A 493 33.38 -3.33 -30.27
C TYR A 493 34.34 -2.38 -30.96
N ALA A 494 34.03 -1.08 -30.98
CA ALA A 494 34.97 -0.11 -31.53
C ALA A 494 36.15 0.08 -30.59
N SER A 495 35.89 0.14 -29.28
CA SER A 495 36.97 0.25 -28.30
C SER A 495 37.79 -1.04 -28.25
N ALA A 496 37.18 -2.16 -28.65
CA ALA A 496 37.90 -3.43 -28.74
C ALA A 496 38.96 -3.37 -29.83
N LEU A 497 38.58 -2.89 -31.02
CA LEU A 497 39.48 -2.90 -32.16
C LEU A 497 40.62 -1.91 -32.05
N VAL A 498 40.49 -0.88 -31.21
CA VAL A 498 41.62 0.00 -30.95
C VAL A 498 42.68 -0.73 -30.15
N SER A 499 42.27 -1.60 -29.24
CA SER A 499 43.18 -2.38 -28.42
C SER A 499 43.94 -3.44 -29.21
N LEU A 500 43.49 -3.79 -30.41
CA LEU A 500 44.27 -4.66 -31.26
C LEU A 500 45.49 -3.94 -31.83
N LEU A 501 45.39 -2.62 -31.98
CA LEU A 501 46.47 -1.85 -32.58
C LEU A 501 47.62 -1.66 -31.59
N ASN A 502 48.62 -2.52 -31.69
CA ASN A 502 49.80 -2.41 -30.83
C ASN A 502 50.80 -1.35 -31.33
N PRO A 503 51.14 -1.22 -32.62
CA PRO A 503 51.95 -0.06 -33.03
C PRO A 503 51.13 1.22 -33.02
N CYS A 504 51.84 2.33 -33.01
CA CYS A 504 51.22 3.65 -33.02
C CYS A 504 51.07 4.17 -34.45
N ARG A 526 46.43 2.64 -31.97
CA ARG A 526 47.43 3.39 -32.71
C ARG A 526 47.25 4.88 -32.49
N ASP A 527 46.82 5.60 -33.52
CA ASP A 527 46.57 7.02 -33.39
C ASP A 527 45.30 7.25 -32.58
N SER A 528 45.26 8.39 -31.89
CA SER A 528 44.11 8.71 -31.05
C SER A 528 42.87 9.08 -31.85
N SER A 529 43.03 9.40 -33.14
CA SER A 529 41.91 9.71 -34.01
C SER A 529 41.38 8.50 -34.74
N THR A 530 41.89 7.30 -34.43
CA THR A 530 41.40 6.09 -35.07
C THR A 530 40.07 5.64 -34.49
N PHE A 531 39.84 5.89 -33.19
CA PHE A 531 38.59 5.48 -32.56
C PHE A 531 37.40 6.24 -33.13
N SER A 532 37.60 7.48 -33.56
CA SER A 532 36.57 8.19 -34.29
C SER A 532 36.32 7.56 -35.66
N LYS A 533 37.35 6.95 -36.24
CA LYS A 533 37.22 6.35 -37.56
C LYS A 533 36.76 4.90 -37.48
N PHE A 534 37.02 4.20 -36.37
CA PHE A 534 36.40 2.90 -36.17
C PHE A 534 34.89 3.02 -35.97
N LEU A 535 34.47 3.98 -35.13
CA LEU A 535 33.06 4.09 -34.79
C LEU A 535 32.24 4.66 -35.95
N LEU A 536 32.86 5.50 -36.78
CA LEU A 536 32.18 6.00 -37.97
C LEU A 536 31.98 4.90 -38.99
N ASP A 537 33.00 4.06 -39.21
CA ASP A 537 32.89 2.97 -40.15
C ASP A 537 32.10 1.78 -39.61
N LEU A 538 31.63 1.84 -38.37
CA LEU A 538 30.89 0.74 -37.79
C LEU A 538 29.39 0.98 -37.79
N PHE A 539 28.98 2.23 -37.60
CA PHE A 539 27.56 2.59 -37.74
C PHE A 539 27.06 2.39 -39.17
N LYS A 540 27.93 2.58 -40.16
CA LYS A 540 27.50 2.54 -41.55
C LYS A 540 27.14 1.13 -41.99
N LEU A 541 27.71 0.12 -41.33
CA LEU A 541 27.46 -1.26 -41.72
C LEU A 541 26.06 -1.71 -41.30
N THR A 542 25.58 -1.22 -40.16
CA THR A 542 24.26 -1.61 -39.69
C THR A 542 23.15 -1.00 -40.54
N ILE A 543 23.37 0.22 -41.05
CA ILE A 543 22.43 0.80 -41.99
C ILE A 543 22.59 0.15 -43.36
N GLY A 544 23.83 0.06 -43.83
CA GLY A 544 24.08 -0.48 -45.15
C GLY A 544 24.44 0.62 -46.12
N MET A 545 25.18 1.62 -45.63
CA MET A 545 25.61 2.72 -46.49
C MET A 545 26.71 2.27 -47.45
N GLY A 546 27.70 1.54 -46.93
CA GLY A 546 28.81 1.12 -47.75
C GLY A 546 29.74 2.25 -48.13
N ASP A 547 29.82 3.29 -47.32
CA ASP A 547 30.65 4.46 -47.58
C ASP A 547 31.83 4.52 -46.62
N LEU A 548 32.44 3.36 -46.37
CA LEU A 548 33.39 3.19 -45.30
C LEU A 548 34.75 3.82 -45.65
N GLU A 549 35.63 3.87 -44.65
CA GLU A 549 36.91 4.55 -44.79
C GLU A 549 38.08 3.64 -44.45
N MET A 550 37.91 2.76 -43.48
CA MET A 550 38.96 1.85 -43.04
C MET A 550 38.75 0.41 -43.45
N ILE A 551 37.60 -0.15 -43.11
CA ILE A 551 37.39 -1.59 -43.23
C ILE A 551 37.17 -1.95 -44.69
N ASN A 552 38.11 -2.67 -45.28
CA ASN A 552 38.00 -3.18 -46.64
C ASN A 552 37.52 -4.63 -46.56
N SER A 553 36.29 -4.86 -47.02
CA SER A 553 35.75 -6.22 -47.01
C SER A 553 36.43 -7.13 -48.02
N ALA A 554 37.15 -6.57 -48.99
CA ALA A 554 37.92 -7.38 -49.92
C ALA A 554 39.19 -7.95 -49.29
N LYS A 555 39.60 -7.42 -48.14
CA LYS A 555 40.81 -7.91 -47.50
C LYS A 555 40.59 -9.23 -46.78
N TYR A 556 39.62 -9.28 -45.87
CA TYR A 556 39.27 -10.51 -45.16
C TYR A 556 37.79 -10.80 -45.37
N PRO A 557 37.43 -11.41 -46.50
CA PRO A 557 36.01 -11.61 -46.83
C PRO A 557 35.35 -12.72 -46.04
N ALA A 558 36.07 -13.81 -45.76
CA ALA A 558 35.49 -14.94 -45.06
C ALA A 558 35.26 -14.68 -43.59
N VAL A 559 35.86 -13.63 -43.04
CA VAL A 559 35.65 -13.25 -41.65
C VAL A 559 34.61 -12.16 -41.54
N PHE A 560 34.60 -11.23 -42.51
CA PHE A 560 33.65 -10.13 -42.47
C PHE A 560 32.21 -10.61 -42.66
N ILE A 561 32.02 -11.65 -43.46
CA ILE A 561 30.68 -12.16 -43.69
C ILE A 561 30.16 -12.87 -42.45
N ILE A 562 30.97 -13.76 -41.87
CA ILE A 562 30.50 -14.57 -40.75
C ILE A 562 30.37 -13.75 -39.47
N LEU A 563 30.96 -12.55 -39.41
CA LEU A 563 30.60 -11.64 -38.33
C LEU A 563 29.32 -10.89 -38.66
N LEU A 564 29.12 -10.55 -39.93
CA LEU A 564 27.93 -9.82 -40.32
C LEU A 564 26.69 -10.72 -40.32
N VAL A 565 26.86 -12.00 -40.66
CA VAL A 565 25.74 -12.93 -40.61
C VAL A 565 25.31 -13.16 -39.17
N THR A 566 26.27 -13.34 -38.26
CA THR A 566 25.94 -13.49 -36.85
C THR A 566 25.43 -12.19 -36.26
N TYR A 567 25.78 -11.05 -36.84
CA TYR A 567 25.20 -9.79 -36.37
C TYR A 567 23.73 -9.69 -36.72
N ILE A 568 23.32 -10.28 -37.85
CA ILE A 568 21.90 -10.34 -38.19
C ILE A 568 21.16 -11.25 -37.21
N ILE A 569 21.78 -12.38 -36.86
CA ILE A 569 21.14 -13.37 -35.99
C ILE A 569 21.02 -12.83 -34.56
N LEU A 570 21.98 -12.02 -34.12
CA LEU A 570 21.85 -11.36 -32.83
C LEU A 570 20.70 -10.37 -32.82
N THR A 571 20.59 -9.58 -33.89
CA THR A 571 19.53 -8.57 -33.95
C THR A 571 18.16 -9.18 -34.22
N PHE A 572 18.09 -10.27 -34.97
CA PHE A 572 16.81 -10.88 -35.31
C PHE A 572 16.17 -11.57 -34.12
N VAL A 573 16.96 -12.05 -33.16
CA VAL A 573 16.40 -12.69 -31.99
C VAL A 573 15.92 -11.64 -30.99
N LEU A 574 16.65 -10.53 -30.87
CA LEU A 574 16.21 -9.43 -30.00
C LEU A 574 14.94 -8.77 -30.52
N LEU A 575 14.67 -8.84 -31.82
CA LEU A 575 13.37 -8.40 -32.31
C LEU A 575 12.28 -9.39 -31.95
N LEU A 576 12.59 -10.69 -31.97
CA LEU A 576 11.60 -11.69 -31.58
C LEU A 576 11.39 -11.74 -30.07
N ASN A 577 12.33 -11.23 -29.29
CA ASN A 577 12.10 -11.09 -27.85
C ASN A 577 11.08 -10.02 -27.55
N MET A 578 10.86 -9.09 -28.47
CA MET A 578 9.75 -8.15 -28.33
C MET A 578 8.42 -8.86 -28.53
N LEU A 579 8.32 -9.65 -29.61
CA LEU A 579 7.04 -10.24 -30.00
C LEU A 579 6.62 -11.37 -29.07
N ILE A 580 7.58 -12.12 -28.55
CA ILE A 580 7.24 -13.20 -27.61
C ILE A 580 6.82 -12.61 -26.27
N ALA A 581 7.45 -11.52 -25.85
CA ALA A 581 7.04 -10.84 -24.63
C ALA A 581 5.66 -10.20 -24.76
N LEU A 582 5.22 -9.89 -25.97
CA LEU A 582 3.86 -9.42 -26.17
C LEU A 582 2.87 -10.56 -26.30
N MET A 583 3.23 -11.61 -27.05
CA MET A 583 2.36 -12.77 -27.18
C MET A 583 2.28 -13.57 -25.87
N GLY A 584 3.31 -13.49 -25.04
CA GLY A 584 3.30 -14.18 -23.76
C GLY A 584 2.67 -13.34 -22.66
N GLU A 585 1.90 -12.36 -23.04
CA GLU A 585 1.22 -11.43 -22.15
C GLU A 585 -0.27 -11.32 -22.45
N THR A 586 -0.65 -11.38 -23.72
CA THR A 586 -2.02 -11.13 -24.13
C THR A 586 -2.86 -12.39 -24.13
N VAL A 587 -2.55 -13.35 -23.27
CA VAL A 587 -3.28 -14.61 -23.32
C VAL A 587 -3.97 -14.97 -22.00
N GLY A 588 -3.20 -15.14 -20.92
CA GLY A 588 -3.77 -15.74 -19.73
C GLY A 588 -4.55 -14.80 -18.83
N GLN A 589 -3.86 -13.83 -18.24
CA GLN A 589 -4.44 -13.00 -17.19
C GLN A 589 -4.54 -11.53 -17.59
N VAL A 590 -4.41 -11.24 -18.89
CA VAL A 590 -4.63 -9.90 -19.39
C VAL A 590 -6.11 -9.54 -19.37
N SER A 591 -7.00 -10.55 -19.30
CA SER A 591 -8.43 -10.31 -19.21
C SER A 591 -8.83 -9.73 -17.85
N LYS A 592 -7.99 -9.89 -16.83
CA LYS A 592 -8.26 -9.36 -15.51
C LYS A 592 -7.46 -8.09 -15.22
N GLU A 593 -6.14 -8.14 -15.42
CA GLU A 593 -5.24 -7.09 -14.94
C GLU A 593 -5.38 -5.79 -15.73
N SER A 594 -5.78 -5.86 -17.00
CA SER A 594 -5.93 -4.65 -17.80
C SER A 594 -7.14 -3.83 -17.39
N LYS A 595 -8.11 -4.46 -16.71
CA LYS A 595 -9.19 -3.72 -16.06
C LYS A 595 -8.94 -3.57 -14.57
N GLN A 596 -7.72 -3.81 -14.12
CA GLN A 596 -7.32 -3.57 -12.74
C GLN A 596 -6.39 -2.36 -12.61
N ILE A 597 -5.31 -2.35 -13.39
CA ILE A 597 -4.38 -1.22 -13.32
C ILE A 597 -4.98 0.01 -13.96
N TRP A 598 -5.82 -0.17 -14.98
CA TRP A 598 -6.55 0.96 -15.57
C TRP A 598 -7.48 1.62 -14.56
N LYS A 599 -8.12 0.84 -13.71
CA LYS A 599 -8.87 1.42 -12.60
C LYS A 599 -7.92 2.00 -11.56
N LEU A 600 -6.76 1.37 -11.37
CA LEU A 600 -5.80 1.84 -10.38
C LEU A 600 -5.11 3.11 -10.82
N GLN A 601 -4.70 3.18 -12.10
CA GLN A 601 -4.00 4.35 -12.58
C GLN A 601 -4.94 5.54 -12.75
N TRP A 602 -6.22 5.27 -13.03
CA TRP A 602 -7.21 6.34 -13.07
C TRP A 602 -7.39 6.97 -11.70
N ALA A 603 -7.31 6.17 -10.64
CA ALA A 603 -7.36 6.71 -9.29
C ALA A 603 -6.02 7.30 -8.87
N THR A 604 -4.92 6.80 -9.44
CA THR A 604 -3.60 7.26 -9.03
C THR A 604 -3.33 8.67 -9.53
N THR A 605 -3.72 8.97 -10.77
CA THR A 605 -3.41 10.26 -11.36
C THR A 605 -4.26 11.38 -10.78
N ILE A 606 -5.54 11.11 -10.50
CA ILE A 606 -6.44 12.15 -10.01
C ILE A 606 -6.08 12.62 -8.59
N LEU A 607 -5.43 11.76 -7.81
CA LEU A 607 -4.91 12.23 -6.52
C LEU A 607 -3.60 12.99 -6.67
N ASP A 608 -2.82 12.68 -7.72
CA ASP A 608 -1.64 13.49 -8.00
C ASP A 608 -2.02 14.86 -8.51
N ILE A 609 -3.16 14.96 -9.19
CA ILE A 609 -3.70 16.27 -9.55
C ILE A 609 -4.19 16.99 -8.30
N GLU A 610 -4.74 16.24 -7.34
CA GLU A 610 -5.24 16.82 -6.10
C GLU A 610 -4.12 17.37 -5.24
N ARG A 611 -2.95 16.74 -5.26
CA ARG A 611 -1.81 17.26 -4.52
C ARG A 611 -1.23 18.52 -5.16
N SER A 612 -1.53 18.77 -6.44
CA SER A 612 -0.93 19.90 -7.15
C SER A 612 -1.56 21.23 -6.77
N PHE A 613 -2.82 21.23 -6.40
CA PHE A 613 -3.47 22.49 -6.08
C PHE A 613 -3.11 22.96 -4.68
N PRO A 614 -3.08 24.27 -4.45
CA PRO A 614 -2.83 24.79 -3.10
C PRO A 614 -4.01 24.56 -2.16
N VAL A 615 -3.87 25.01 -0.90
CA VAL A 615 -4.93 24.81 0.07
C VAL A 615 -6.09 25.77 -0.17
N CYS A 616 -5.86 26.88 -0.87
CA CYS A 616 -6.93 27.83 -1.13
C CYS A 616 -7.87 27.33 -2.22
N MET A 617 -7.33 26.81 -3.32
CA MET A 617 -8.15 26.28 -4.39
C MET A 617 -8.67 24.88 -4.09
N ARG A 618 -8.21 24.25 -3.00
CA ARG A 618 -8.65 22.92 -2.64
C ARG A 618 -10.10 22.94 -2.15
N LYS A 619 -10.47 23.96 -1.38
CA LYS A 619 -11.82 24.06 -0.83
C LYS A 619 -12.85 24.50 -1.85
N ALA A 620 -12.43 24.94 -3.03
CA ALA A 620 -13.37 25.50 -4.00
C ALA A 620 -14.20 24.41 -4.65
N PHE A 621 -13.55 23.51 -5.39
CA PHE A 621 -14.24 22.42 -6.06
C PHE A 621 -14.23 21.16 -5.21
N ARG A 622 -14.79 21.29 -4.01
CA ARG A 622 -14.91 20.16 -3.09
C ARG A 622 -16.26 19.50 -3.28
N SER A 623 -16.24 18.18 -3.45
CA SER A 623 -17.48 17.44 -3.62
C SER A 623 -18.17 17.26 -2.27
N GLY A 624 -19.45 16.92 -2.33
CA GLY A 624 -20.21 16.73 -1.10
C GLY A 624 -20.88 18.01 -0.64
N GLU A 625 -21.93 17.84 0.16
CA GLU A 625 -22.75 18.96 0.61
C GLU A 625 -22.95 18.88 2.12
N MET A 626 -23.31 20.01 2.71
CA MET A 626 -23.73 20.04 4.10
C MET A 626 -25.20 19.69 4.19
N VAL A 627 -25.52 18.56 4.82
CA VAL A 627 -26.90 18.14 5.05
C VAL A 627 -27.07 17.98 6.55
N THR A 628 -27.88 18.84 7.15
CA THR A 628 -28.07 18.86 8.60
C THR A 628 -28.91 17.67 9.02
N VAL A 629 -28.25 16.65 9.60
CA VAL A 629 -28.91 15.44 10.08
C VAL A 629 -28.57 15.27 11.55
N GLY A 630 -29.60 15.08 12.38
CA GLY A 630 -29.38 14.74 13.77
C GLY A 630 -29.66 15.87 14.73
N LYS A 631 -28.88 15.94 15.81
CA LYS A 631 -29.04 16.98 16.81
C LYS A 631 -27.72 17.70 17.07
N ARG A 639 -25.25 17.95 11.30
CA ARG A 639 -24.65 18.64 10.17
C ARG A 639 -23.24 18.10 9.91
N ARG A 640 -22.99 17.71 8.67
CA ARG A 640 -21.73 17.12 8.28
C ARG A 640 -21.59 17.24 6.76
N TRP A 641 -20.38 16.96 6.27
CA TRP A 641 -20.06 17.05 4.85
C TRP A 641 -20.18 15.67 4.24
N CYS A 642 -21.40 15.29 3.91
CA CYS A 642 -21.73 14.00 3.32
C CYS A 642 -21.94 14.14 1.82
N PHE A 643 -22.12 13.00 1.16
CA PHE A 643 -22.22 12.95 -0.30
C PHE A 643 -23.52 12.28 -0.70
N ARG A 644 -24.22 12.89 -1.66
CA ARG A 644 -25.51 12.40 -2.12
C ARG A 644 -25.32 11.31 -3.16
N VAL A 645 -26.02 10.19 -2.98
CA VAL A 645 -25.96 9.04 -3.89
C VAL A 645 -27.40 8.65 -4.23
N ASP A 646 -27.69 8.51 -5.52
CA ASP A 646 -29.00 8.09 -5.97
C ASP A 646 -29.08 6.57 -6.08
N GLU A 647 -30.30 6.05 -5.99
CA GLU A 647 -30.57 4.63 -6.16
C GLU A 647 -31.88 4.44 -6.91
N VAL A 648 -32.04 3.25 -7.48
CA VAL A 648 -33.29 2.82 -8.12
C VAL A 648 -33.56 1.39 -7.68
N ASN A 649 -34.73 1.15 -7.08
CA ASN A 649 -35.09 -0.19 -6.62
C ASN A 649 -36.59 -0.36 -6.76
N TRP A 650 -37.00 -1.52 -7.28
CA TRP A 650 -38.42 -1.85 -7.45
C TRP A 650 -38.92 -2.80 -6.38
N SER A 651 -38.03 -3.30 -5.52
CA SER A 651 -38.39 -4.17 -4.42
C SER A 651 -38.65 -3.30 -3.18
N HIS A 652 -38.72 -3.94 -2.00
CA HIS A 652 -38.87 -3.29 -0.69
C HIS A 652 -40.17 -2.48 -0.62
N TRP A 653 -41.27 -3.20 -0.62
CA TRP A 653 -42.58 -2.59 -0.50
C TRP A 653 -43.31 -3.12 0.72
BA BA B . 21.11 -1.90 -50.03
#